data_6HL6
#
_entry.id   6HL6
#
_cell.length_a   86.084
_cell.length_b   86.084
_cell.length_c   148.752
_cell.angle_alpha   90.00
_cell.angle_beta   90.00
_cell.angle_gamma   90.00
#
_symmetry.space_group_name_H-M   'P 41 21 2'
#
loop_
_entity.id
_entity.type
_entity.pdbx_description
1 polymer 'Hypoxia-inducible factor 1-alpha inhibitor'
2 polymer 'RelA-associated inhibitor'
3 non-polymer GLYCEROL
4 non-polymer 'SULFATE ION'
5 non-polymer 'ZINC ION'
6 non-polymer N-OXALYLGLYCINE
7 water water
#
loop_
_entity_poly.entity_id
_entity_poly.type
_entity_poly.pdbx_seq_one_letter_code
_entity_poly.pdbx_strand_id
1 'polypeptide(L)'
;SMAATAAEAVASGSGEPREEAGALGPAWDESQLRSYSFPTRPIPRLSQSDPRAEELIENEEPVVLTDTNLVYPALKWDLE
YLQENIGNGDFSVYSASTHKFLYYDEKKMANFQNFKPRSNREEMKFHEFVEKLQDIQQRGGEERLYLQQTLNDTVGRKIV
MDFLGFNWNWINKQQGKRGWGQLTSNLLLIGMEGNVTPAHYDEQQNFFAQIKGYKRCILFPPDQFECLYPYPVHHPCDRQ
SQVDFDNPDYERFPNFQNVVGYETVVGPGDVLYIPMYWWHHIESLLNGGITITVNFWYKGAPTPKRIEYPLKAHQKVAIM
RNIEKMLGEALGNPQEVGPLLNTMIKGRYN
;
A
2 'polypeptide(L)' GANYSIVDFLITAGANVNSPDSHG S
#
# COMPACT_ATOMS: atom_id res chain seq x y z
N GLU A 16 -6.29 -17.67 12.44
CA GLU A 16 -6.04 -18.83 11.57
C GLU A 16 -6.73 -18.66 10.23
N PRO A 17 -6.46 -19.58 9.30
CA PRO A 17 -7.08 -19.52 7.98
C PRO A 17 -8.57 -19.76 8.08
N ARG A 18 -9.34 -18.97 7.36
CA ARG A 18 -10.79 -19.13 7.37
C ARG A 18 -11.16 -20.39 6.60
N GLU A 19 -12.26 -21.02 6.99
CA GLU A 19 -12.71 -22.21 6.30
C GLU A 19 -13.77 -21.77 5.30
N GLU A 20 -13.54 -22.10 4.04
CA GLU A 20 -14.46 -21.72 2.98
C GLU A 20 -15.81 -22.43 3.09
N ALA A 21 -16.86 -21.73 2.65
CA ALA A 21 -18.22 -22.24 2.69
C ALA A 21 -18.38 -23.40 1.71
N GLY A 22 -19.32 -24.30 2.00
CA GLY A 22 -19.53 -25.45 1.15
C GLY A 22 -18.47 -26.52 1.37
N ALA A 23 -17.87 -26.49 2.56
CA ALA A 23 -16.85 -27.46 2.97
C ALA A 23 -15.68 -27.56 2.01
N LEU A 24 -15.23 -26.42 1.53
CA LEU A 24 -14.10 -26.36 0.61
C LEU A 24 -12.74 -26.43 1.31
N GLY A 25 -12.75 -26.37 2.63
CA GLY A 25 -11.54 -26.44 3.42
C GLY A 25 -10.90 -25.09 3.58
N PRO A 26 -9.73 -25.08 4.20
CA PRO A 26 -9.04 -23.81 4.39
C PRO A 26 -8.68 -23.26 3.03
N ALA A 27 -8.88 -21.97 2.85
CA ALA A 27 -8.54 -21.32 1.59
C ALA A 27 -7.03 -21.36 1.37
N TRP A 28 -6.28 -21.15 2.44
CA TRP A 28 -4.84 -21.15 2.42
C TRP A 28 -4.30 -21.78 3.70
N ASP A 29 -3.01 -22.07 3.73
CA ASP A 29 -2.37 -22.61 4.92
C ASP A 29 -1.10 -21.83 5.22
N GLU A 30 -0.60 -22.04 6.44
CA GLU A 30 0.53 -21.27 6.93
C GLU A 30 1.77 -21.47 6.07
N SER A 31 1.86 -22.58 5.33
CA SER A 31 3.04 -22.81 4.50
C SER A 31 3.14 -21.85 3.33
N GLN A 32 2.07 -21.15 2.99
CA GLN A 32 2.10 -20.19 1.91
C GLN A 32 2.55 -18.79 2.35
N LEU A 33 2.91 -18.60 3.62
CA LEU A 33 3.35 -17.32 4.11
C LEU A 33 4.87 -17.28 4.18
N ARG A 34 5.47 -16.14 3.83
CA ARG A 34 6.90 -15.96 3.96
C ARG A 34 7.28 -15.79 5.43
N SER A 35 8.54 -16.10 5.75
CA SER A 35 9.03 -16.04 7.13
C SER A 35 9.80 -14.76 7.42
N TYR A 36 9.46 -14.10 8.52
CA TYR A 36 10.08 -12.82 8.86
C TYR A 36 10.53 -12.83 10.33
N SER A 37 11.30 -11.81 10.70
CA SER A 37 12.00 -11.76 11.97
C SER A 37 11.18 -11.18 13.11
N PHE A 38 10.02 -10.64 12.87
CA PHE A 38 9.31 -9.88 13.89
C PHE A 38 8.03 -10.60 14.29
N PRO A 39 7.53 -10.36 15.49
CA PRO A 39 6.21 -10.86 15.87
C PRO A 39 5.10 -10.01 15.26
N THR A 40 3.90 -10.58 15.28
CA THR A 40 2.69 -9.88 14.84
C THR A 40 1.52 -10.31 15.71
N ARG A 41 0.46 -9.53 15.68
CA ARG A 41 -0.82 -9.93 16.22
C ARG A 41 -1.87 -9.68 15.16
N PRO A 42 -3.04 -10.31 15.27
CA PRO A 42 -4.02 -10.23 14.17
C PRO A 42 -4.75 -8.90 14.09
N ILE A 43 -5.03 -8.47 12.87
CA ILE A 43 -6.02 -7.39 12.65
C ILE A 43 -7.42 -7.95 12.86
N PRO A 44 -8.32 -7.23 13.55
CA PRO A 44 -9.66 -7.78 13.77
C PRO A 44 -10.40 -7.94 12.43
N ARG A 45 -11.23 -8.96 12.35
N ARG A 45 -11.22 -8.97 12.34
CA ARG A 45 -12.08 -9.19 11.18
CA ARG A 45 -12.08 -9.19 11.18
C ARG A 45 -13.47 -9.02 11.77
C ARG A 45 -13.46 -9.01 11.77
N LEU A 46 -14.23 -8.11 11.19
CA LEU A 46 -15.53 -7.77 11.72
C LEU A 46 -16.53 -7.52 10.59
N SER A 47 -17.79 -7.54 10.95
CA SER A 47 -18.87 -7.09 10.07
C SER A 47 -18.89 -5.57 10.06
N GLN A 48 -19.19 -5.03 8.88
CA GLN A 48 -19.38 -3.59 8.76
C GLN A 48 -20.49 -3.09 9.65
N SER A 49 -21.41 -3.94 10.10
CA SER A 49 -22.45 -3.50 11.01
C SER A 49 -22.01 -3.49 12.45
N ASP A 50 -20.77 -3.89 12.72
CA ASP A 50 -20.28 -4.02 14.10
C ASP A 50 -19.81 -2.66 14.62
N PRO A 51 -20.38 -2.14 15.71
CA PRO A 51 -19.89 -0.87 16.27
C PRO A 51 -18.40 -0.81 16.47
N ARG A 52 -17.77 -1.95 16.76
N ARG A 52 -17.77 -1.96 16.76
CA ARG A 52 -16.33 -1.96 16.95
CA ARG A 52 -16.34 -1.97 16.96
C ARG A 52 -15.60 -1.65 15.66
C ARG A 52 -15.59 -1.67 15.66
N ALA A 53 -16.14 -2.08 14.53
CA ALA A 53 -15.49 -1.78 13.26
C ALA A 53 -15.52 -0.28 13.01
N GLU A 54 -16.67 0.35 13.25
CA GLU A 54 -16.80 1.78 13.07
C GLU A 54 -15.82 2.53 13.98
N GLU A 55 -15.66 2.05 15.20
CA GLU A 55 -14.76 2.64 16.17
C GLU A 55 -13.30 2.56 15.73
N LEU A 56 -12.91 1.41 15.16
CA LEU A 56 -11.54 1.29 14.65
C LEU A 56 -11.29 2.27 13.51
N ILE A 57 -12.21 2.39 12.55
CA ILE A 57 -11.99 3.30 11.44
C ILE A 57 -11.90 4.73 11.95
N GLU A 58 -12.82 5.09 12.86
CA GLU A 58 -12.88 6.43 13.40
C GLU A 58 -11.56 6.79 14.07
N ASN A 59 -10.96 5.82 14.75
CA ASN A 59 -9.69 6.01 15.46
C ASN A 59 -8.49 5.73 14.57
N GLU A 60 -8.72 5.56 13.28
CA GLU A 60 -7.63 5.33 12.33
C GLU A 60 -6.75 4.16 12.76
N GLU A 61 -7.41 3.05 13.06
CA GLU A 61 -6.77 1.76 13.23
C GLU A 61 -7.27 0.78 12.19
N PRO A 62 -6.44 -0.18 11.76
CA PRO A 62 -6.88 -1.11 10.73
C PRO A 62 -7.93 -2.12 11.22
N VAL A 63 -8.77 -2.51 10.27
CA VAL A 63 -9.81 -3.50 10.49
C VAL A 63 -10.08 -4.15 9.14
N VAL A 64 -10.31 -5.45 9.16
CA VAL A 64 -10.81 -6.14 7.97
C VAL A 64 -12.34 -6.20 8.09
N LEU A 65 -13.05 -5.68 7.09
CA LEU A 65 -14.50 -5.83 6.99
C LEU A 65 -14.85 -6.95 6.02
N THR A 66 -15.66 -7.89 6.46
CA THR A 66 -15.88 -9.11 5.70
C THR A 66 -17.12 -9.07 4.82
N ASP A 67 -18.01 -8.10 5.01
CA ASP A 67 -19.33 -8.17 4.38
C ASP A 67 -19.76 -6.81 3.86
N THR A 68 -18.83 -5.99 3.34
CA THR A 68 -19.23 -4.69 2.82
C THR A 68 -19.91 -4.78 1.46
N ASN A 69 -19.63 -5.84 0.69
CA ASN A 69 -20.05 -5.89 -0.72
C ASN A 69 -19.50 -4.73 -1.54
N LEU A 70 -18.39 -4.15 -1.08
CA LEU A 70 -17.79 -2.98 -1.76
C LEU A 70 -17.54 -3.23 -3.24
N VAL A 71 -16.92 -4.36 -3.59
CA VAL A 71 -16.68 -4.65 -5.00
C VAL A 71 -17.37 -5.95 -5.41
N TYR A 72 -18.59 -6.15 -4.91
CA TYR A 72 -19.32 -7.38 -5.23
C TYR A 72 -19.35 -7.70 -6.72
N PRO A 73 -19.67 -6.75 -7.63
CA PRO A 73 -19.68 -7.11 -9.07
C PRO A 73 -18.33 -7.54 -9.62
N ALA A 74 -17.22 -7.17 -8.97
CA ALA A 74 -15.90 -7.54 -9.45
C ALA A 74 -15.45 -8.92 -8.98
N LEU A 75 -16.21 -9.58 -8.11
CA LEU A 75 -15.77 -10.89 -7.64
C LEU A 75 -15.77 -11.92 -8.74
N LYS A 76 -16.48 -11.68 -9.84
CA LYS A 76 -16.47 -12.56 -11.00
C LYS A 76 -15.30 -12.27 -11.94
N TRP A 77 -14.48 -11.26 -11.65
CA TRP A 77 -13.34 -10.92 -12.51
C TRP A 77 -12.29 -12.01 -12.47
N ASP A 78 -11.86 -12.42 -13.66
CA ASP A 78 -10.62 -13.16 -13.85
C ASP A 78 -9.98 -12.59 -15.10
N LEU A 79 -8.84 -13.15 -15.49
CA LEU A 79 -8.12 -12.61 -16.64
C LEU A 79 -8.96 -12.67 -17.91
N GLU A 80 -9.66 -13.77 -18.14
CA GLU A 80 -10.46 -13.88 -19.37
C GLU A 80 -11.50 -12.78 -19.44
N TYR A 81 -12.28 -12.61 -18.37
CA TYR A 81 -13.31 -11.58 -18.32
C TYR A 81 -12.69 -10.19 -18.50
N LEU A 82 -11.63 -9.90 -17.75
CA LEU A 82 -11.02 -8.57 -17.86
C LEU A 82 -10.48 -8.32 -19.27
N GLN A 83 -9.80 -9.30 -19.87
CA GLN A 83 -9.26 -9.09 -21.21
C GLN A 83 -10.36 -8.83 -22.22
N GLU A 84 -11.52 -9.46 -22.02
CA GLU A 84 -12.63 -9.29 -22.96
C GLU A 84 -13.28 -7.92 -22.80
N ASN A 85 -13.20 -7.30 -21.62
CA ASN A 85 -14.04 -6.17 -21.31
C ASN A 85 -13.32 -4.92 -20.82
N ILE A 86 -12.03 -4.97 -20.48
CA ILE A 86 -11.40 -3.83 -19.84
C ILE A 86 -10.92 -2.79 -20.85
N GLY A 87 -11.13 -3.03 -22.11
CA GLY A 87 -10.82 -2.02 -23.09
C GLY A 87 -9.44 -2.19 -23.68
N ASN A 88 -9.08 -1.20 -24.51
CA ASN A 88 -7.83 -1.21 -25.23
C ASN A 88 -6.86 -0.13 -24.74
N GLY A 89 -6.98 0.26 -23.49
CA GLY A 89 -6.04 1.21 -22.91
C GLY A 89 -4.71 0.58 -22.59
N ASP A 90 -3.74 1.44 -22.28
CA ASP A 90 -2.44 1.01 -21.80
C ASP A 90 -2.50 0.68 -20.32
N PHE A 91 -1.83 -0.40 -19.93
CA PHE A 91 -1.70 -0.79 -18.53
C PHE A 91 -0.22 -0.77 -18.13
N SER A 92 0.06 -0.21 -16.96
CA SER A 92 1.42 -0.20 -16.43
C SER A 92 1.71 -1.56 -15.82
N VAL A 93 2.75 -2.22 -16.33
CA VAL A 93 3.13 -3.55 -15.86
C VAL A 93 4.59 -3.51 -15.49
N TYR A 94 4.87 -3.88 -14.24
CA TYR A 94 6.22 -3.93 -13.70
C TYR A 94 6.74 -5.35 -13.79
N SER A 95 8.03 -5.46 -14.09
CA SER A 95 8.69 -6.74 -14.25
C SER A 95 9.90 -6.77 -13.32
N ALA A 96 10.20 -7.94 -12.78
CA ALA A 96 11.36 -8.05 -11.88
C ALA A 96 11.84 -9.50 -11.87
N SER A 97 13.12 -9.67 -11.57
CA SER A 97 13.70 -10.97 -11.32
C SER A 97 13.73 -11.35 -9.84
N THR A 98 13.11 -10.53 -8.98
CA THR A 98 12.95 -10.79 -7.56
C THR A 98 11.46 -10.75 -7.23
N HIS A 99 11.07 -11.38 -6.13
CA HIS A 99 9.69 -11.27 -5.67
C HIS A 99 9.36 -9.88 -5.12
N LYS A 100 10.36 -9.05 -4.83
CA LYS A 100 10.11 -7.74 -4.24
C LYS A 100 9.93 -6.67 -5.31
N PHE A 101 8.74 -6.08 -5.35
CA PHE A 101 8.44 -4.96 -6.26
C PHE A 101 8.44 -3.64 -5.48
N LEU A 102 9.65 -3.21 -5.15
CA LEU A 102 9.87 -1.96 -4.44
C LEU A 102 9.40 -0.79 -5.30
N TYR A 103 8.47 -0.02 -4.77
CA TYR A 103 7.95 1.15 -5.48
C TYR A 103 9.05 2.21 -5.59
N TYR A 104 9.10 2.90 -6.73
CA TYR A 104 10.02 4.03 -6.87
C TYR A 104 9.38 5.11 -7.74
N ASP A 105 9.72 6.35 -7.43
CA ASP A 105 9.13 7.53 -8.07
C ASP A 105 10.08 7.99 -9.17
N GLU A 106 9.62 7.87 -10.43
CA GLU A 106 10.52 8.13 -11.55
C GLU A 106 10.93 9.58 -11.63
N LYS A 107 10.09 10.51 -11.18
CA LYS A 107 10.46 11.94 -11.21
C LYS A 107 11.62 12.28 -10.28
N LYS A 108 11.91 11.46 -9.28
CA LYS A 108 12.98 11.77 -8.34
C LYS A 108 14.30 11.12 -8.72
N MET A 109 14.32 10.30 -9.77
CA MET A 109 15.55 9.58 -10.12
C MET A 109 16.68 10.52 -10.52
N ALA A 110 16.36 11.75 -10.93
CA ALA A 110 17.43 12.73 -11.19
C ALA A 110 18.17 13.14 -9.92
N ASN A 111 17.55 13.01 -8.75
CA ASN A 111 18.23 13.35 -7.48
C ASN A 111 19.26 12.29 -7.10
N PHE A 112 19.08 11.06 -7.55
CA PHE A 112 19.93 9.94 -7.17
C PHE A 112 20.27 9.18 -8.46
N GLN A 113 21.24 9.70 -9.21
CA GLN A 113 21.70 9.06 -10.43
C GLN A 113 22.28 7.67 -10.16
N ASN A 114 22.60 7.35 -8.90
CA ASN A 114 23.13 6.04 -8.54
C ASN A 114 22.04 4.99 -8.30
N PHE A 115 20.78 5.38 -8.20
CA PHE A 115 19.71 4.43 -7.91
C PHE A 115 19.38 3.63 -9.16
N LYS A 116 19.53 2.31 -9.07
CA LYS A 116 19.20 1.41 -10.16
C LYS A 116 18.05 0.53 -9.73
N PRO A 117 16.83 0.76 -10.20
CA PRO A 117 15.69 -0.03 -9.73
C PRO A 117 15.79 -1.49 -10.16
N ARG A 118 15.24 -2.37 -9.31
CA ARG A 118 15.24 -3.80 -9.56
C ARG A 118 14.03 -4.25 -10.36
N SER A 119 13.02 -3.40 -10.49
CA SER A 119 11.88 -3.68 -11.36
C SER A 119 11.81 -2.59 -12.41
N ASN A 120 11.27 -2.95 -13.57
CA ASN A 120 11.10 -2.00 -14.67
C ASN A 120 9.65 -1.98 -15.10
N ARG A 121 9.20 -0.82 -15.55
CA ARG A 121 7.83 -0.59 -15.97
C ARG A 121 7.74 -0.69 -17.49
N GLU A 122 6.75 -1.41 -17.99
CA GLU A 122 6.46 -1.43 -19.41
C GLU A 122 4.97 -1.20 -19.59
N GLU A 123 4.61 -0.32 -20.52
CA GLU A 123 3.23 -0.05 -20.88
C GLU A 123 2.79 -1.05 -21.93
N MET A 124 1.62 -1.68 -21.73
CA MET A 124 1.15 -2.65 -22.70
C MET A 124 -0.36 -2.77 -22.61
N LYS A 125 -0.95 -3.37 -23.65
CA LYS A 125 -2.36 -3.69 -23.63
C LYS A 125 -2.62 -4.89 -22.74
N PHE A 126 -3.86 -5.01 -22.26
CA PHE A 126 -4.18 -6.07 -21.30
C PHE A 126 -3.93 -7.44 -21.88
N HIS A 127 -4.29 -7.66 -23.15
CA HIS A 127 -4.04 -8.97 -23.74
C HIS A 127 -2.55 -9.26 -23.80
N GLU A 128 -1.74 -8.23 -24.01
CA GLU A 128 -0.29 -8.43 -24.02
C GLU A 128 0.18 -8.88 -22.64
N PHE A 129 -0.42 -8.34 -21.58
CA PHE A 129 -0.07 -8.74 -20.22
C PHE A 129 -0.44 -10.18 -19.95
N VAL A 130 -1.63 -10.60 -20.39
CA VAL A 130 -2.03 -12.00 -20.23
C VAL A 130 -1.09 -12.92 -21.00
N GLU A 131 -0.71 -12.52 -22.22
CA GLU A 131 0.16 -13.36 -23.06
C GLU A 131 1.56 -13.45 -22.46
N LYS A 132 2.06 -12.36 -21.90
CA LYS A 132 3.37 -12.43 -21.26
C LYS A 132 3.32 -13.35 -20.04
N LEU A 133 2.26 -13.23 -19.24
CA LEU A 133 2.05 -14.18 -18.15
C LEU A 133 2.09 -15.61 -18.64
N GLN A 134 1.28 -15.90 -19.66
CA GLN A 134 1.20 -17.25 -20.23
C GLN A 134 2.57 -17.71 -20.70
N ASP A 135 3.29 -16.87 -21.45
CA ASP A 135 4.59 -17.28 -21.96
C ASP A 135 5.57 -17.57 -20.83
N ILE A 136 5.50 -16.79 -19.74
CA ILE A 136 6.34 -17.08 -18.57
C ILE A 136 5.98 -18.43 -17.98
N GLN A 137 4.68 -18.69 -17.81
CA GLN A 137 4.23 -19.96 -17.24
C GLN A 137 4.72 -21.14 -18.07
N GLN A 138 4.31 -21.20 -19.33
CA GLN A 138 4.64 -22.34 -20.17
C GLN A 138 6.15 -22.60 -20.18
N ARG A 139 6.94 -21.53 -20.14
CA ARG A 139 8.39 -21.63 -20.20
C ARG A 139 9.02 -21.90 -18.83
N GLY A 140 8.26 -21.83 -17.75
CA GLY A 140 8.84 -22.03 -16.43
C GLY A 140 9.84 -20.97 -16.02
N GLY A 141 9.87 -19.83 -16.70
CA GLY A 141 10.79 -18.78 -16.36
C GLY A 141 10.58 -18.29 -14.93
N GLU A 142 11.52 -17.46 -14.49
CA GLU A 142 11.50 -16.89 -13.16
C GLU A 142 11.07 -15.43 -13.13
N GLU A 143 10.91 -14.80 -14.30
CA GLU A 143 10.44 -13.42 -14.35
C GLU A 143 9.10 -13.30 -13.64
N ARG A 144 8.91 -12.17 -12.97
CA ARG A 144 7.67 -11.87 -12.27
C ARG A 144 7.05 -10.60 -12.83
N LEU A 145 5.76 -10.60 -12.91
CA LEU A 145 5.04 -9.47 -13.39
C LEU A 145 4.07 -8.95 -12.31
N TYR A 146 3.85 -7.65 -12.17
CA TYR A 146 2.84 -7.02 -11.29
C TYR A 146 2.12 -5.89 -12.12
N LEU A 147 0.84 -5.95 -12.42
CA LEU A 147 0.10 -4.94 -13.16
C LEU A 147 -0.43 -4.03 -12.13
N GLN A 148 -0.25 -2.77 -12.32
CA GLN A 148 -0.71 -1.77 -11.34
C GLN A 148 -1.18 -0.58 -12.15
N GLN A 149 -2.49 -0.47 -12.35
CA GLN A 149 -3.07 0.50 -13.27
C GLN A 149 -4.29 1.16 -12.65
N THR A 150 -4.26 2.49 -12.58
CA THR A 150 -5.42 3.29 -12.23
C THR A 150 -6.57 2.97 -13.17
N LEU A 151 -7.74 2.66 -12.63
CA LEU A 151 -8.94 2.51 -13.45
C LEU A 151 -9.38 3.85 -14.03
N ASN A 152 -9.62 3.91 -15.34
CA ASN A 152 -9.93 5.18 -16.01
C ASN A 152 -11.08 4.96 -17.01
N ASP A 153 -11.39 5.99 -17.79
CA ASP A 153 -12.59 5.95 -18.62
C ASP A 153 -12.36 5.24 -19.96
N THR A 154 -11.21 4.60 -20.15
CA THR A 154 -11.05 3.78 -21.34
C THR A 154 -11.62 2.38 -21.15
N VAL A 155 -12.06 2.01 -19.94
CA VAL A 155 -12.48 0.62 -19.74
C VAL A 155 -13.77 0.39 -20.50
N GLY A 156 -13.96 -0.84 -20.96
CA GLY A 156 -15.16 -1.21 -21.69
C GLY A 156 -16.42 -1.15 -20.84
N ARG A 157 -17.55 -1.36 -21.52
CA ARG A 157 -18.86 -1.08 -20.94
C ARG A 157 -19.17 -2.00 -19.77
N LYS A 158 -18.82 -3.28 -19.88
CA LYS A 158 -19.10 -4.18 -18.78
C LYS A 158 -18.28 -3.82 -17.55
N ILE A 159 -17.07 -3.27 -17.72
CA ILE A 159 -16.33 -2.85 -16.53
C ILE A 159 -16.96 -1.58 -15.96
N VAL A 160 -17.46 -0.71 -16.82
CA VAL A 160 -18.18 0.47 -16.33
C VAL A 160 -19.36 0.02 -15.46
N MET A 161 -20.15 -0.93 -15.94
CA MET A 161 -21.31 -1.37 -15.19
C MET A 161 -20.89 -2.02 -13.86
N ASP A 162 -19.87 -2.86 -13.90
CA ASP A 162 -19.33 -3.42 -12.65
C ASP A 162 -18.91 -2.32 -11.67
N PHE A 163 -18.10 -1.37 -12.15
CA PHE A 163 -17.64 -0.26 -11.31
C PHE A 163 -18.82 0.50 -10.72
N LEU A 164 -19.86 0.74 -11.52
CA LEU A 164 -20.99 1.50 -11.02
C LEU A 164 -21.72 0.71 -9.95
N GLY A 165 -21.63 -0.59 -10.00
CA GLY A 165 -22.25 -1.45 -9.03
C GLY A 165 -21.43 -1.67 -7.77
N PHE A 166 -20.29 -1.00 -7.62
CA PHE A 166 -19.63 -1.07 -6.32
C PHE A 166 -20.54 -0.45 -5.26
N ASN A 167 -20.23 -0.71 -3.98
CA ASN A 167 -21.09 -0.21 -2.90
C ASN A 167 -20.71 1.22 -2.52
N TRP A 168 -21.06 2.14 -3.42
CA TRP A 168 -20.81 3.56 -3.20
C TRP A 168 -21.62 4.09 -2.01
N ASN A 169 -22.80 3.54 -1.77
CA ASN A 169 -23.60 4.00 -0.64
C ASN A 169 -22.78 3.87 0.64
N TRP A 170 -22.14 2.73 0.82
CA TRP A 170 -21.44 2.44 2.06
C TRP A 170 -20.15 3.25 2.15
N ILE A 171 -19.37 3.26 1.06
CA ILE A 171 -18.09 3.95 1.15
C ILE A 171 -18.25 5.47 1.11
N ASN A 172 -19.25 6.00 0.41
CA ASN A 172 -19.50 7.44 0.47
C ASN A 172 -19.89 7.88 1.89
N LYS A 173 -20.70 7.07 2.59
CA LYS A 173 -21.01 7.35 3.99
C LYS A 173 -19.75 7.33 4.87
N GLN A 174 -18.81 6.41 4.61
CA GLN A 174 -17.55 6.40 5.34
C GLN A 174 -16.76 7.69 5.08
N GLN A 175 -16.59 8.05 3.82
CA GLN A 175 -15.92 9.30 3.49
C GLN A 175 -16.57 10.46 4.24
N GLY A 176 -17.90 10.52 4.21
CA GLY A 176 -18.61 11.60 4.88
C GLY A 176 -18.43 11.58 6.39
N LYS A 177 -18.57 10.39 7.00
CA LYS A 177 -18.42 10.28 8.46
C LYS A 177 -17.02 10.63 8.93
N ARG A 178 -15.98 10.28 8.16
CA ARG A 178 -14.62 10.53 8.58
C ARG A 178 -14.08 11.91 8.19
N GLY A 179 -14.85 12.72 7.48
CA GLY A 179 -14.33 14.00 7.03
C GLY A 179 -13.27 13.92 5.97
N TRP A 180 -13.10 12.77 5.32
CA TRP A 180 -12.10 12.63 4.28
C TRP A 180 -12.39 13.55 3.09
N GLY A 181 -11.35 13.82 2.32
CA GLY A 181 -11.52 14.48 1.05
C GLY A 181 -11.93 13.49 -0.02
N GLN A 182 -11.66 13.87 -1.27
CA GLN A 182 -12.18 13.15 -2.42
C GLN A 182 -11.47 11.83 -2.62
N LEU A 183 -12.18 10.90 -3.22
CA LEU A 183 -11.58 9.74 -3.86
C LEU A 183 -10.64 10.21 -4.94
N THR A 184 -9.35 9.85 -4.84
CA THR A 184 -8.42 10.36 -5.84
C THR A 184 -8.22 9.37 -6.96
N SER A 185 -8.26 8.08 -6.67
CA SER A 185 -8.11 7.07 -7.71
C SER A 185 -8.48 5.70 -7.14
N ASN A 186 -8.76 4.78 -8.05
CA ASN A 186 -8.86 3.34 -7.77
C ASN A 186 -7.75 2.64 -8.53
N LEU A 187 -6.88 1.96 -7.81
CA LEU A 187 -5.75 1.27 -8.41
C LEU A 187 -6.14 -0.20 -8.58
N LEU A 188 -6.05 -0.71 -9.81
CA LEU A 188 -6.19 -2.13 -10.09
C LEU A 188 -4.83 -2.78 -9.96
N LEU A 189 -4.74 -3.82 -9.13
CA LEU A 189 -3.51 -4.56 -8.89
C LEU A 189 -3.71 -6.04 -9.25
N ILE A 190 -2.90 -6.55 -10.17
CA ILE A 190 -2.95 -7.94 -10.54
C ILE A 190 -1.54 -8.49 -10.42
N GLY A 191 -1.33 -9.41 -9.47
CA GLY A 191 -0.02 -9.95 -9.20
C GLY A 191 0.06 -11.45 -9.38
N MET A 192 1.28 -11.94 -9.50
CA MET A 192 1.58 -13.36 -9.53
C MET A 192 1.80 -13.86 -8.12
N GLU A 193 1.48 -15.12 -7.90
CA GLU A 193 1.73 -15.74 -6.61
C GLU A 193 3.16 -15.45 -6.16
N GLY A 194 3.31 -15.07 -4.89
CA GLY A 194 4.61 -14.78 -4.31
C GLY A 194 5.10 -13.35 -4.47
N ASN A 195 4.42 -12.51 -5.25
CA ASN A 195 4.82 -11.10 -5.35
C ASN A 195 4.69 -10.42 -4.00
N VAL A 196 5.62 -9.51 -3.74
CA VAL A 196 5.68 -8.72 -2.52
C VAL A 196 5.78 -7.26 -2.91
N THR A 197 4.95 -6.41 -2.28
CA THR A 197 5.19 -4.97 -2.27
C THR A 197 5.83 -4.64 -0.94
N PRO A 198 7.08 -4.17 -0.91
CA PRO A 198 7.76 -3.98 0.37
C PRO A 198 7.08 -2.89 1.19
N ALA A 199 7.35 -2.94 2.49
CA ALA A 199 6.80 -2.02 3.47
C ALA A 199 6.95 -0.56 3.04
N HIS A 200 5.86 0.18 3.15
CA HIS A 200 5.81 1.60 2.87
C HIS A 200 4.57 2.16 3.53
N TYR A 201 4.49 3.47 3.56
CA TYR A 201 3.25 4.12 3.98
C TYR A 201 2.78 5.02 2.86
N ASP A 202 1.47 5.27 2.86
CA ASP A 202 0.83 6.14 1.90
C ASP A 202 0.22 7.33 2.63
N GLU A 203 0.25 8.53 2.01
CA GLU A 203 -0.40 9.72 2.54
C GLU A 203 -1.86 9.88 2.12
N GLN A 204 -2.56 8.78 1.92
CA GLN A 204 -4.01 8.82 1.77
C GLN A 204 -4.62 7.67 2.55
N GLN A 205 -5.91 7.79 2.83
CA GLN A 205 -6.68 6.74 3.45
C GLN A 205 -7.02 5.71 2.37
N ASN A 206 -7.07 4.43 2.75
CA ASN A 206 -7.19 3.34 1.76
C ASN A 206 -8.16 2.28 2.24
N PHE A 207 -9.21 2.04 1.45
CA PHE A 207 -9.99 0.83 1.54
C PHE A 207 -9.52 -0.11 0.45
N PHE A 208 -8.94 -1.24 0.88
CA PHE A 208 -8.22 -2.19 0.04
C PHE A 208 -9.14 -3.40 -0.16
N ALA A 209 -9.70 -3.51 -1.38
CA ALA A 209 -10.79 -4.45 -1.66
C ALA A 209 -10.23 -5.66 -2.41
N GLN A 210 -10.15 -6.81 -1.71
CA GLN A 210 -9.63 -8.02 -2.32
C GLN A 210 -10.70 -8.69 -3.19
N ILE A 211 -10.27 -9.12 -4.38
CA ILE A 211 -11.15 -9.66 -5.42
C ILE A 211 -10.86 -11.12 -5.73
N LYS A 212 -9.59 -11.45 -5.99
CA LYS A 212 -9.23 -12.81 -6.35
C LYS A 212 -7.96 -13.24 -5.62
N GLY A 213 -7.96 -14.46 -5.10
CA GLY A 213 -6.74 -14.91 -4.42
C GLY A 213 -6.61 -14.21 -3.07
N TYR A 214 -5.46 -14.47 -2.44
CA TYR A 214 -5.22 -14.12 -1.04
C TYR A 214 -3.95 -13.30 -0.94
N LYS A 215 -4.01 -12.26 -0.11
CA LYS A 215 -2.86 -11.43 0.20
C LYS A 215 -2.69 -11.34 1.69
N ARG A 216 -1.47 -11.56 2.13
CA ARG A 216 -1.09 -11.36 3.52
C ARG A 216 -0.66 -9.92 3.65
N CYS A 217 -1.26 -9.23 4.59
CA CYS A 217 -1.05 -7.80 4.79
C CYS A 217 -0.49 -7.63 6.20
N ILE A 218 0.70 -7.05 6.30
CA ILE A 218 1.35 -6.79 7.59
C ILE A 218 1.45 -5.27 7.76
N LEU A 219 0.79 -4.74 8.77
CA LEU A 219 0.74 -3.29 8.97
C LEU A 219 1.55 -2.93 10.21
N PHE A 220 2.11 -1.71 10.22
CA PHE A 220 2.82 -1.18 11.38
C PHE A 220 2.34 0.23 11.63
N PRO A 221 2.06 0.59 12.87
CA PRO A 221 1.53 1.91 13.16
C PRO A 221 2.53 3.00 12.86
N PRO A 222 2.05 4.24 12.78
CA PRO A 222 2.87 5.42 12.46
C PRO A 222 3.94 5.65 13.50
N ASP A 223 3.72 5.16 14.73
CA ASP A 223 4.71 5.30 15.81
C ASP A 223 5.95 4.38 15.69
N GLN A 224 5.96 3.48 14.71
CA GLN A 224 7.09 2.64 14.43
C GLN A 224 8.06 3.25 13.39
N PHE A 225 7.84 4.50 13.00
CA PHE A 225 8.75 5.20 12.10
C PHE A 225 10.21 4.88 12.44
N GLU A 226 10.55 4.92 13.71
CA GLU A 226 11.95 4.82 14.09
C GLU A 226 12.49 3.41 13.92
N CYS A 227 11.63 2.41 13.74
CA CYS A 227 12.04 1.04 13.50
C CYS A 227 12.13 0.68 12.02
N LEU A 228 11.64 1.56 11.12
CA LEU A 228 11.41 1.17 9.74
C LEU A 228 12.20 1.99 8.71
N TYR A 229 12.87 3.05 9.14
CA TYR A 229 13.93 3.68 8.35
C TYR A 229 13.52 3.99 6.90
N PRO A 230 12.53 4.85 6.69
CA PRO A 230 12.21 5.25 5.31
C PRO A 230 13.40 5.93 4.64
N TYR A 231 13.49 5.78 3.33
CA TYR A 231 14.42 6.54 2.54
C TYR A 231 14.22 8.04 2.77
N PRO A 232 15.25 8.83 2.48
CA PRO A 232 15.07 10.29 2.42
C PRO A 232 13.92 10.70 1.52
N VAL A 233 13.30 11.82 1.83
CA VAL A 233 12.15 12.28 1.08
C VAL A 233 12.45 12.49 -0.40
N HIS A 234 13.62 13.03 -0.70
CA HIS A 234 14.04 13.28 -2.08
C HIS A 234 14.43 12.05 -2.89
N HIS A 235 14.65 10.93 -2.21
CA HIS A 235 15.00 9.68 -2.86
C HIS A 235 13.79 9.10 -3.61
N PRO A 236 14.01 8.40 -4.71
CA PRO A 236 12.87 7.79 -5.46
C PRO A 236 12.02 6.82 -4.66
N CYS A 237 12.59 6.19 -3.63
CA CYS A 237 11.86 5.31 -2.74
C CYS A 237 11.38 6.01 -1.46
N ASP A 238 11.18 7.32 -1.53
CA ASP A 238 10.45 8.05 -0.50
C ASP A 238 9.22 7.27 -0.07
N ARG A 239 9.03 7.14 1.27
CA ARG A 239 7.92 6.48 1.95
C ARG A 239 8.10 4.95 2.04
N GLN A 240 9.11 4.36 1.42
CA GLN A 240 9.37 2.94 1.56
C GLN A 240 10.46 2.73 2.61
N SER A 241 10.34 1.63 3.33
CA SER A 241 11.35 1.22 4.27
C SER A 241 12.63 0.85 3.55
N GLN A 242 13.76 1.29 4.10
CA GLN A 242 15.04 0.81 3.61
C GLN A 242 15.36 -0.61 4.03
N VAL A 243 14.64 -1.17 4.99
CA VAL A 243 15.03 -2.44 5.57
C VAL A 243 14.67 -3.56 4.61
N ASP A 244 15.64 -4.42 4.32
CA ASP A 244 15.33 -5.65 3.57
C ASP A 244 14.72 -6.66 4.54
N PHE A 245 13.40 -6.85 4.46
CA PHE A 245 12.71 -7.73 5.40
C PHE A 245 13.25 -9.16 5.33
N ASP A 246 13.76 -9.57 4.16
CA ASP A 246 14.31 -10.92 4.02
C ASP A 246 15.70 -11.08 4.60
N ASN A 247 16.43 -9.97 4.77
CA ASN A 247 17.80 -10.00 5.30
C ASN A 247 18.06 -8.67 6.01
N PRO A 248 17.50 -8.47 7.18
CA PRO A 248 17.58 -7.14 7.79
C PRO A 248 18.97 -6.85 8.33
N ASP A 249 19.46 -5.67 7.99
CA ASP A 249 20.79 -5.24 8.41
C ASP A 249 20.66 -4.53 9.76
N TYR A 250 20.92 -5.25 10.84
CA TYR A 250 20.69 -4.71 12.17
C TYR A 250 21.75 -3.72 12.62
N GLU A 251 22.88 -3.67 11.93
CA GLU A 251 23.89 -2.66 12.23
C GLU A 251 23.44 -1.29 11.74
N ARG A 252 22.85 -1.23 10.56
CA ARG A 252 22.31 0.03 10.06
C ARG A 252 20.94 0.35 10.63
N PHE A 253 20.14 -0.69 10.89
CA PHE A 253 18.74 -0.51 11.27
C PHE A 253 18.45 -1.22 12.58
N PRO A 254 19.14 -0.84 13.66
CA PRO A 254 19.02 -1.61 14.91
C PRO A 254 17.62 -1.66 15.48
N ASN A 255 16.82 -0.60 15.33
CA ASN A 255 15.47 -0.67 15.89
C ASN A 255 14.53 -1.51 15.06
N PHE A 256 14.97 -2.05 13.93
CA PHE A 256 14.10 -3.05 13.29
C PHE A 256 13.92 -4.28 14.20
N GLN A 257 14.82 -4.47 15.19
CA GLN A 257 14.66 -5.56 16.14
C GLN A 257 13.51 -5.33 17.10
N ASN A 258 12.92 -4.14 17.10
CA ASN A 258 11.80 -3.83 17.98
C ASN A 258 10.48 -3.76 17.24
N VAL A 259 10.47 -4.02 15.94
CA VAL A 259 9.25 -3.80 15.18
C VAL A 259 8.23 -4.88 15.52
N VAL A 260 6.94 -4.50 15.56
CA VAL A 260 5.85 -5.44 15.83
C VAL A 260 4.72 -5.12 14.83
N GLY A 261 4.26 -6.11 14.09
CA GLY A 261 3.26 -5.88 13.07
C GLY A 261 1.84 -6.31 13.46
N TYR A 262 0.87 -5.86 12.64
CA TYR A 262 -0.51 -6.25 12.73
C TYR A 262 -0.83 -6.94 11.41
N GLU A 263 -1.31 -8.18 11.48
CA GLU A 263 -1.30 -9.08 10.34
C GLU A 263 -2.69 -9.60 10.05
N THR A 264 -2.94 -9.84 8.78
CA THR A 264 -4.16 -10.51 8.35
C THR A 264 -3.89 -11.08 6.96
N VAL A 265 -4.75 -12.02 6.55
CA VAL A 265 -4.81 -12.46 5.17
C VAL A 265 -6.20 -12.10 4.62
N VAL A 266 -6.26 -11.28 3.57
CA VAL A 266 -7.55 -10.95 2.97
C VAL A 266 -7.76 -11.84 1.76
N GLY A 267 -9.01 -12.29 1.59
CA GLY A 267 -9.43 -12.98 0.39
C GLY A 267 -10.61 -12.32 -0.30
N PRO A 268 -11.15 -12.99 -1.32
CA PRO A 268 -12.24 -12.37 -2.09
C PRO A 268 -13.38 -11.93 -1.20
N GLY A 269 -13.81 -10.68 -1.36
CA GLY A 269 -14.90 -10.12 -0.61
C GLY A 269 -14.47 -9.31 0.61
N ASP A 270 -13.23 -9.49 1.07
CA ASP A 270 -12.74 -8.77 2.23
C ASP A 270 -12.32 -7.36 1.83
N VAL A 271 -12.45 -6.41 2.77
CA VAL A 271 -11.94 -5.05 2.61
C VAL A 271 -11.08 -4.72 3.82
N LEU A 272 -9.84 -4.31 3.57
CA LEU A 272 -8.93 -3.95 4.67
C LEU A 272 -8.85 -2.44 4.70
N TYR A 273 -9.17 -1.84 5.85
CA TYR A 273 -8.94 -0.41 6.02
C TYR A 273 -7.46 -0.23 6.35
N ILE A 274 -6.71 0.38 5.44
CA ILE A 274 -5.31 0.73 5.73
C ILE A 274 -5.27 2.23 6.04
N PRO A 275 -5.20 2.62 7.30
CA PRO A 275 -5.23 4.04 7.62
C PRO A 275 -4.02 4.77 7.06
N MET A 276 -4.26 6.03 6.73
CA MET A 276 -3.19 6.91 6.26
C MET A 276 -2.03 6.89 7.24
N TYR A 277 -0.81 6.87 6.71
CA TYR A 277 0.48 6.83 7.39
C TYR A 277 0.83 5.46 7.93
N TRP A 278 -0.08 4.49 7.92
CA TRP A 278 0.26 3.19 8.44
C TRP A 278 1.11 2.47 7.43
N TRP A 279 2.23 1.96 7.90
CA TRP A 279 3.07 1.11 7.10
C TRP A 279 2.33 -0.16 6.73
N HIS A 280 2.61 -0.66 5.53
CA HIS A 280 2.04 -1.94 5.12
C HIS A 280 2.97 -2.64 4.14
N HIS A 281 3.14 -3.93 4.42
CA HIS A 281 3.83 -4.92 3.60
C HIS A 281 2.76 -5.87 3.10
N ILE A 282 2.71 -6.10 1.79
CA ILE A 282 1.63 -6.87 1.18
C ILE A 282 2.23 -7.96 0.31
N GLU A 283 1.81 -9.21 0.53
CA GLU A 283 2.32 -10.29 -0.29
C GLU A 283 1.20 -11.21 -0.80
N SER A 284 1.31 -11.61 -2.06
CA SER A 284 0.40 -12.58 -2.66
C SER A 284 0.88 -13.98 -2.27
N LEU A 285 -0.02 -14.76 -1.68
CA LEU A 285 0.40 -16.03 -1.06
C LEU A 285 1.16 -16.88 -2.06
N LEU A 286 2.24 -17.47 -1.58
CA LEU A 286 2.96 -18.49 -2.34
C LEU A 286 1.99 -19.56 -2.82
N ASN A 287 2.12 -19.94 -4.08
CA ASN A 287 1.34 -21.01 -4.69
C ASN A 287 -0.18 -20.79 -4.55
N GLY A 288 -0.61 -19.54 -4.42
CA GLY A 288 -2.02 -19.19 -4.33
C GLY A 288 -2.65 -18.73 -5.63
N GLY A 289 -1.91 -18.77 -6.74
CA GLY A 289 -2.44 -18.27 -8.00
C GLY A 289 -2.33 -16.76 -8.08
N ILE A 290 -2.88 -16.20 -9.16
CA ILE A 290 -2.83 -14.75 -9.29
C ILE A 290 -3.75 -14.12 -8.27
N THR A 291 -3.47 -12.86 -7.95
CA THR A 291 -4.29 -12.07 -7.05
C THR A 291 -4.81 -10.85 -7.77
N ILE A 292 -5.98 -10.37 -7.36
CA ILE A 292 -6.58 -9.16 -7.89
C ILE A 292 -7.14 -8.35 -6.73
N THR A 293 -6.81 -7.05 -6.73
CA THR A 293 -7.23 -6.10 -5.71
C THR A 293 -7.60 -4.82 -6.41
N VAL A 294 -8.60 -4.12 -5.90
CA VAL A 294 -8.84 -2.73 -6.26
C VAL A 294 -8.82 -1.94 -4.98
N ASN A 295 -8.00 -0.89 -4.91
CA ASN A 295 -8.00 -0.04 -3.73
C ASN A 295 -8.81 1.23 -4.03
N PHE A 296 -9.05 1.97 -2.97
CA PHE A 296 -9.93 3.15 -2.95
C PHE A 296 -9.14 4.15 -2.11
N TRP A 297 -8.49 5.11 -2.75
CA TRP A 297 -7.66 6.09 -2.07
C TRP A 297 -8.40 7.40 -1.88
N TYR A 298 -8.47 7.85 -0.64
CA TYR A 298 -9.10 9.11 -0.26
C TYR A 298 -8.12 10.03 0.43
N LYS A 299 -8.18 11.31 0.10
CA LYS A 299 -7.38 12.29 0.83
C LYS A 299 -7.85 12.35 2.28
N GLY A 300 -6.92 12.56 3.18
CA GLY A 300 -7.27 12.60 4.59
C GLY A 300 -8.02 13.87 4.93
N ALA A 301 -8.66 13.84 6.10
CA ALA A 301 -9.44 14.97 6.57
C ALA A 301 -8.54 16.18 6.79
N PRO A 302 -9.10 17.38 6.70
CA PRO A 302 -8.29 18.59 6.96
C PRO A 302 -7.63 18.53 8.33
N THR A 303 -6.56 19.29 8.48
CA THR A 303 -5.91 19.44 9.78
C THR A 303 -6.84 20.12 10.78
N PRO A 304 -6.88 19.67 12.04
CA PRO A 304 -7.87 20.18 12.99
C PRO A 304 -7.66 21.64 13.36
N LYS A 305 -8.76 22.29 13.74
CA LYS A 305 -8.71 23.68 14.17
C LYS A 305 -7.84 23.84 15.42
N ARG A 306 -8.08 23.00 16.43
CA ARG A 306 -7.34 23.05 17.69
C ARG A 306 -6.38 21.86 17.72
N ILE A 307 -5.08 22.14 17.60
CA ILE A 307 -4.08 21.11 17.76
C ILE A 307 -4.01 20.71 19.22
N GLU A 308 -4.08 19.41 19.48
CA GLU A 308 -3.90 18.88 20.82
C GLU A 308 -2.46 18.46 20.99
N TYR A 309 -1.92 18.72 22.17
CA TYR A 309 -0.56 18.35 22.48
C TYR A 309 -0.52 17.26 23.55
N PRO A 310 0.47 16.36 23.52
CA PRO A 310 1.50 16.31 22.48
C PRO A 310 0.92 15.74 21.20
N LEU A 311 1.67 15.90 20.12
CA LEU A 311 1.16 15.55 18.80
C LEU A 311 1.11 14.04 18.62
N LYS A 312 0.18 13.62 17.78
CA LYS A 312 0.13 12.23 17.36
C LYS A 312 1.36 11.85 16.51
N ALA A 313 1.64 10.55 16.48
CA ALA A 313 2.80 10.08 15.72
C ALA A 313 2.70 10.51 14.26
N HIS A 314 1.52 10.41 13.67
CA HIS A 314 1.45 10.73 12.25
C HIS A 314 1.68 12.22 12.02
N GLN A 315 1.29 13.08 12.96
CA GLN A 315 1.61 14.48 12.83
C GLN A 315 3.13 14.72 12.89
N LYS A 316 3.84 13.96 13.72
CA LYS A 316 5.30 14.13 13.76
C LYS A 316 5.92 13.64 12.46
N VAL A 317 5.36 12.57 11.87
CA VAL A 317 5.81 12.15 10.54
C VAL A 317 5.63 13.28 9.53
N ALA A 318 4.46 13.90 9.52
CA ALA A 318 4.22 15.01 8.59
C ALA A 318 5.23 16.14 8.80
N ILE A 319 5.56 16.47 10.05
CA ILE A 319 6.52 17.52 10.33
C ILE A 319 7.87 17.16 9.75
N MET A 320 8.30 15.90 9.94
CA MET A 320 9.62 15.49 9.46
C MET A 320 9.68 15.54 7.93
N ARG A 321 8.62 15.11 7.26
CA ARG A 321 8.60 15.24 5.82
C ARG A 321 8.72 16.68 5.40
N ASN A 322 8.02 17.58 6.08
CA ASN A 322 8.05 18.97 5.64
C ASN A 322 9.41 19.60 5.92
N ILE A 323 10.06 19.23 7.03
CA ILE A 323 11.42 19.74 7.28
C ILE A 323 12.35 19.31 6.17
N GLU A 324 12.30 18.04 5.77
CA GLU A 324 13.15 17.56 4.69
C GLU A 324 12.86 18.29 3.38
N LYS A 325 11.58 18.48 3.06
CA LYS A 325 11.21 19.19 1.85
C LYS A 325 11.69 20.62 1.88
N MET A 326 11.48 21.30 3.00
CA MET A 326 11.91 22.70 3.11
C MET A 326 13.41 22.82 2.91
N LEU A 327 14.17 21.94 3.54
CA LEU A 327 15.62 22.08 3.49
C LEU A 327 16.13 21.80 2.07
N GLY A 328 15.56 20.80 1.40
CA GLY A 328 15.95 20.55 0.03
C GLY A 328 15.72 21.77 -0.84
N GLU A 329 14.59 22.43 -0.65
CA GLU A 329 14.31 23.63 -1.41
C GLU A 329 15.23 24.78 -1.00
N ALA A 330 15.40 25.00 0.31
CA ALA A 330 16.17 26.15 0.77
C ALA A 330 17.65 26.05 0.42
N LEU A 331 18.25 24.88 0.61
CA LEU A 331 19.65 24.66 0.26
C LEU A 331 19.88 24.57 -1.24
N GLY A 332 18.81 24.56 -2.03
CA GLY A 332 18.92 24.46 -3.46
C GLY A 332 19.46 23.14 -4.00
N ASN A 333 19.70 22.15 -3.13
CA ASN A 333 20.22 20.86 -3.57
C ASN A 333 19.80 19.77 -2.57
N PRO A 334 19.03 18.77 -2.99
CA PRO A 334 18.63 17.70 -2.06
C PRO A 334 19.81 17.09 -1.31
N GLN A 335 20.94 16.93 -1.98
CA GLN A 335 22.09 16.24 -1.40
C GLN A 335 22.71 17.00 -0.24
N GLU A 336 22.40 18.28 -0.04
CA GLU A 336 22.91 18.99 1.11
C GLU A 336 22.02 18.83 2.35
N VAL A 337 20.90 18.13 2.24
CA VAL A 337 19.99 18.00 3.39
C VAL A 337 20.64 17.17 4.50
N GLY A 338 21.17 15.99 4.16
CA GLY A 338 21.76 15.13 5.16
C GLY A 338 22.91 15.79 5.92
N PRO A 339 23.87 16.35 5.20
CA PRO A 339 24.99 17.06 5.88
C PRO A 339 24.55 18.16 6.83
N LEU A 340 23.56 18.98 6.46
CA LEU A 340 23.07 20.01 7.37
C LEU A 340 22.39 19.39 8.59
N LEU A 341 21.57 18.35 8.39
CA LEU A 341 20.91 17.74 9.54
C LEU A 341 21.95 17.14 10.49
N ASN A 342 22.96 16.45 9.95
CA ASN A 342 23.98 15.87 10.81
C ASN A 342 24.72 16.95 11.60
N THR A 343 25.11 18.02 10.93
CA THR A 343 25.77 19.12 11.61
C THR A 343 24.90 19.69 12.73
N MET A 344 23.59 19.81 12.51
CA MET A 344 22.69 20.33 13.53
C MET A 344 22.72 19.48 14.78
N ILE A 345 22.80 18.17 14.61
CA ILE A 345 22.56 17.25 15.68
C ILE A 345 23.85 16.81 16.36
N LYS A 346 24.93 16.58 15.61
CA LYS A 346 26.11 16.00 16.24
C LYS A 346 26.64 16.82 17.38
N GLY A 347 26.88 16.15 18.50
CA GLY A 347 27.35 16.82 19.69
C GLY A 347 26.34 17.85 20.15
N ARG A 348 25.22 18.02 19.62
N ARG A 348 25.22 18.01 19.63
CA ARG A 348 24.27 19.00 20.11
CA ARG A 348 24.26 19.00 20.11
C ARG A 348 22.97 18.40 20.66
C ARG A 348 22.97 18.39 20.66
N TYR A 349 22.44 17.47 19.99
CA TYR A 349 21.20 16.76 20.31
C TYR A 349 21.35 15.24 20.45
N ASN A 350 22.53 14.70 20.21
CA ASN A 350 22.70 13.25 20.34
C ASN A 350 23.77 12.84 21.38
N SER B 5 1.35 30.65 12.98
CA SER B 5 0.72 29.39 12.59
C SER B 5 1.78 28.45 12.03
N ILE B 6 2.94 28.42 12.68
CA ILE B 6 4.00 27.56 12.21
C ILE B 6 3.58 26.10 12.34
N VAL B 7 2.90 25.75 13.43
CA VAL B 7 2.50 24.35 13.65
C VAL B 7 1.57 23.89 12.52
N ASP B 8 0.57 24.71 12.16
CA ASP B 8 -0.34 24.34 11.08
C ASP B 8 0.42 24.13 9.78
N PHE B 9 1.38 25.02 9.49
CA PHE B 9 2.21 24.84 8.31
C PHE B 9 2.93 23.49 8.34
N LEU B 10 3.60 23.19 9.47
CA LEU B 10 4.49 22.03 9.50
C LEU B 10 3.75 20.70 9.51
N ILE B 11 2.55 20.61 10.09
CA ILE B 11 1.82 19.35 10.13
C ILE B 11 0.95 19.18 8.89
N THR B 12 1.08 20.09 7.92
CA THR B 12 0.35 19.92 6.66
C THR B 12 0.73 18.61 5.99
N ALA B 13 -0.29 17.82 5.67
CA ALA B 13 -0.11 16.51 5.06
C ALA B 13 0.08 16.63 3.56
N GLY B 14 0.93 15.78 3.01
CA GLY B 14 0.95 15.55 1.57
C GLY B 14 -0.09 14.54 1.18
N ALA B 15 -0.07 14.14 -0.11
CA ALA B 15 -0.99 13.11 -0.59
C ALA B 15 -0.30 12.07 -1.48
N ASN B 16 1.01 11.84 -1.31
CA ASN B 16 1.70 10.85 -2.13
C ASN B 16 1.37 9.42 -1.71
N VAL B 17 1.16 8.57 -2.72
CA VAL B 17 0.90 7.14 -2.58
C VAL B 17 1.70 6.38 -3.64
N ASN B 18 1.74 5.04 -3.49
CA ASN B 18 2.43 4.16 -4.43
C ASN B 18 1.58 3.94 -5.67
N SER B 19 1.40 5.01 -6.43
CA SER B 19 0.62 4.91 -7.64
C SER B 19 1.49 5.37 -8.79
N PRO B 20 1.31 4.76 -9.96
CA PRO B 20 2.07 5.15 -11.15
C PRO B 20 1.75 6.59 -11.51
N ASP B 21 0.49 7.01 -11.38
CA ASP B 21 0.09 8.38 -11.64
C ASP B 21 0.98 9.34 -10.86
#